data_6G1C
#
_entry.id   6G1C
#
_cell.length_a   63.447
_cell.length_b   76.685
_cell.length_c   76.907
_cell.angle_alpha   90.00
_cell.angle_beta   90.00
_cell.angle_gamma   90.00
#
_symmetry.space_group_name_H-M   'P 21 21 21'
#
loop_
_entity.id
_entity.type
_entity.pdbx_description
1 polymer 'Antitoxin HicB'
2 water water
#
_entity_poly.entity_id   1
_entity_poly.type   'polypeptide(L)'
_entity_poly.pdbx_seq_one_letter_code
;MEFPIAVHKDDGSVYGVTVPDIPGVHSWGETIDDAIKNTREAIVGHVETLIELGEDVEFTCSTVEELVAKPEYAGAVWAL
VSVDLKHHHHHH
;
_entity_poly.pdbx_strand_id   V,A,B,C
#
# COMPACT_ATOMS: atom_id res chain seq x y z
N MET A 1 -4.61 4.19 -19.34
CA MET A 1 -3.27 4.70 -19.06
C MET A 1 -2.32 3.53 -18.87
N GLU A 2 -1.12 3.62 -19.43
CA GLU A 2 -0.14 2.55 -19.39
C GLU A 2 0.90 2.88 -18.32
N PHE A 3 0.93 2.08 -17.26
CA PHE A 3 1.89 2.27 -16.18
C PHE A 3 3.10 1.39 -16.42
N PRO A 4 4.30 1.94 -16.55
CA PRO A 4 5.50 1.07 -16.54
C PRO A 4 5.67 0.44 -15.17
N ILE A 5 6.04 -0.82 -15.15
CA ILE A 5 6.44 -1.51 -13.91
C ILE A 5 7.78 -2.21 -14.13
N ALA A 6 8.56 -2.30 -13.06
CA ALA A 6 9.89 -2.93 -13.12
C ALA A 6 9.82 -4.20 -12.31
N VAL A 7 10.19 -5.32 -12.93
CA VAL A 7 10.07 -6.65 -12.32
C VAL A 7 11.45 -7.13 -11.87
N HIS A 8 11.51 -7.67 -10.65
CA HIS A 8 12.77 -8.03 -9.97
C HIS A 8 12.67 -9.45 -9.46
N LYS A 9 13.74 -10.21 -9.57
CA LYS A 9 13.76 -11.55 -8.98
C LYS A 9 14.34 -11.44 -7.58
N ASP A 10 13.60 -11.92 -6.59
CA ASP A 10 14.06 -11.81 -5.21
C ASP A 10 14.50 -13.16 -4.68
N ASP A 11 15.23 -13.13 -3.56
CA ASP A 11 15.68 -14.36 -2.91
C ASP A 11 14.46 -15.17 -2.46
N GLY A 12 14.61 -16.48 -2.42
CA GLY A 12 13.48 -17.35 -2.20
C GLY A 12 12.70 -17.71 -3.45
N SER A 13 13.19 -17.35 -4.63
CA SER A 13 12.50 -17.60 -5.92
C SER A 13 11.08 -17.03 -5.94
N VAL A 14 10.96 -15.80 -5.47
CA VAL A 14 9.75 -15.00 -5.60
C VAL A 14 10.09 -13.80 -6.49
N TYR A 15 9.06 -13.04 -6.91
CA TYR A 15 9.26 -11.91 -7.79
C TYR A 15 8.63 -10.67 -7.20
N GLY A 16 9.34 -9.54 -7.23
CA GLY A 16 8.79 -8.27 -6.80
C GLY A 16 8.61 -7.30 -7.95
N VAL A 17 7.74 -6.33 -7.76
CA VAL A 17 7.45 -5.38 -8.81
C VAL A 17 7.42 -3.99 -8.21
N THR A 18 8.10 -3.05 -8.87
CA THR A 18 8.07 -1.65 -8.42
C THR A 18 7.35 -0.83 -9.48
N VAL A 19 6.75 0.28 -9.01
CA VAL A 19 5.87 1.08 -9.85
C VAL A 19 6.35 2.52 -9.87
N PRO A 20 7.11 2.96 -10.88
CA PRO A 20 7.68 4.30 -10.82
C PRO A 20 6.69 5.42 -10.54
N ASP A 21 5.46 5.32 -11.07
CA ASP A 21 4.52 6.44 -10.95
C ASP A 21 3.65 6.38 -9.71
N ILE A 22 3.66 5.25 -9.01
CA ILE A 22 2.89 5.06 -7.79
C ILE A 22 3.80 4.23 -6.89
N PRO A 23 4.78 4.87 -6.24
CA PRO A 23 5.80 4.06 -5.55
C PRO A 23 5.24 3.16 -4.49
N GLY A 24 4.14 3.53 -3.86
CA GLY A 24 3.65 2.84 -2.71
C GLY A 24 2.88 1.57 -2.96
N VAL A 25 2.62 1.22 -4.21
CA VAL A 25 1.92 -0.03 -4.51
C VAL A 25 2.87 -1.13 -4.99
N HIS A 26 4.17 -1.01 -4.70
CA HIS A 26 5.11 -2.11 -4.99
C HIS A 26 4.51 -3.39 -4.39
N SER A 27 4.60 -4.49 -5.14
CA SER A 27 3.94 -5.73 -4.80
C SER A 27 4.88 -6.89 -5.10
N TRP A 28 4.42 -8.11 -4.84
CA TRP A 28 5.28 -9.27 -5.09
C TRP A 28 4.38 -10.46 -5.30
N GLY A 29 4.96 -11.57 -5.79
CA GLY A 29 4.24 -12.82 -5.88
C GLY A 29 5.17 -14.01 -5.99
N GLU A 30 4.58 -15.19 -5.86
CA GLU A 30 5.37 -16.42 -5.91
C GLU A 30 5.83 -16.69 -7.33
N THR A 31 5.09 -16.21 -8.32
CA THR A 31 5.42 -16.36 -9.73
C THR A 31 5.44 -14.98 -10.38
N ILE A 32 6.06 -14.88 -11.56
CA ILE A 32 6.01 -13.62 -12.28
C ILE A 32 4.58 -13.22 -12.57
N ASP A 33 3.73 -14.19 -12.94
CA ASP A 33 2.37 -13.81 -13.28
C ASP A 33 1.64 -13.30 -12.04
N ASP A 34 1.81 -13.99 -10.90
CA ASP A 34 1.15 -13.53 -9.68
C ASP A 34 1.63 -12.15 -9.31
N ALA A 35 2.94 -11.91 -9.49
CA ALA A 35 3.48 -10.61 -9.07
C ALA A 35 2.91 -9.46 -9.91
N ILE A 36 2.82 -9.64 -11.21
CA ILE A 36 2.28 -8.62 -12.09
C ILE A 36 0.79 -8.41 -11.84
N LYS A 37 0.02 -9.51 -11.74
CA LYS A 37 -1.41 -9.34 -11.48
C LYS A 37 -1.66 -8.69 -10.11
N ASN A 38 -0.86 -9.07 -9.08
CA ASN A 38 -0.99 -8.40 -7.78
C ASN A 38 -0.71 -6.92 -7.90
N THR A 39 0.26 -6.55 -8.73
CA THR A 39 0.61 -5.14 -8.91
C THR A 39 -0.50 -4.40 -9.64
N ARG A 40 -1.05 -4.98 -10.70
CA ARG A 40 -2.16 -4.35 -11.40
C ARG A 40 -3.33 -4.12 -10.46
N GLU A 41 -3.68 -5.14 -9.65
CA GLU A 41 -4.80 -4.97 -8.73
C GLU A 41 -4.54 -3.84 -7.76
N ALA A 42 -3.28 -3.71 -7.30
CA ALA A 42 -2.93 -2.65 -6.35
C ALA A 42 -3.01 -1.28 -7.00
N ILE A 43 -2.60 -1.18 -8.28
CA ILE A 43 -2.72 0.08 -9.00
C ILE A 43 -4.19 0.44 -9.19
N VAL A 44 -4.99 -0.52 -9.61
CA VAL A 44 -6.40 -0.23 -9.79
C VAL A 44 -7.01 0.22 -8.47
N GLY A 45 -6.66 -0.45 -7.36
CA GLY A 45 -7.24 -0.09 -6.08
C GLY A 45 -6.80 1.29 -5.61
N HIS A 46 -5.54 1.63 -5.85
CA HIS A 46 -5.05 2.97 -5.50
C HIS A 46 -5.87 4.03 -6.25
N VAL A 47 -6.04 3.86 -7.55
CA VAL A 47 -6.78 4.85 -8.35
C VAL A 47 -8.21 4.94 -7.84
N GLU A 48 -8.86 3.81 -7.61
CA GLU A 48 -10.25 3.85 -7.20
C GLU A 48 -10.39 4.52 -5.84
N THR A 49 -9.42 4.27 -4.97
CA THR A 49 -9.46 4.90 -3.65
C THR A 49 -9.33 6.41 -3.75
N LEU A 50 -8.42 6.90 -4.59
CA LEU A 50 -8.29 8.34 -4.71
C LEU A 50 -9.57 8.97 -5.27
N ILE A 51 -10.23 8.28 -6.21
CA ILE A 51 -11.48 8.83 -6.74
C ILE A 51 -12.51 8.96 -5.64
N GLU A 52 -12.60 7.94 -4.78
CA GLU A 52 -13.55 7.97 -3.68
C GLU A 52 -13.25 9.08 -2.69
N LEU A 53 -11.98 9.41 -2.54
CA LEU A 53 -11.58 10.52 -1.68
C LEU A 53 -11.88 11.87 -2.31
N GLY A 54 -12.39 11.89 -3.54
CA GLY A 54 -12.62 13.14 -4.24
C GLY A 54 -11.40 13.79 -4.87
N GLU A 55 -10.32 13.03 -5.08
CA GLU A 55 -9.14 13.55 -5.74
C GLU A 55 -9.22 13.35 -7.25
N ASP A 56 -8.52 14.21 -7.98
CA ASP A 56 -8.23 13.95 -9.38
C ASP A 56 -7.18 12.85 -9.49
N VAL A 57 -7.33 12.01 -10.52
CA VAL A 57 -6.37 10.94 -10.78
C VAL A 57 -5.85 10.95 -12.20
N GLU A 58 -6.27 11.90 -13.04
CA GLU A 58 -5.92 11.82 -14.45
C GLU A 58 -4.64 12.60 -14.65
N PHE A 59 -3.52 11.90 -14.56
CA PHE A 59 -2.21 12.52 -14.71
C PHE A 59 -1.35 11.66 -15.62
N THR A 60 -0.23 12.24 -16.03
CA THR A 60 0.67 11.64 -17.01
C THR A 60 1.54 10.58 -16.36
N CYS A 61 1.89 9.55 -17.14
CA CYS A 61 2.70 8.45 -16.65
C CYS A 61 4.08 8.53 -17.26
N SER A 62 5.04 7.98 -16.55
CA SER A 62 6.35 7.79 -17.14
C SER A 62 6.29 6.77 -18.26
N THR A 63 7.33 6.73 -19.08
CA THR A 63 7.50 5.72 -20.11
C THR A 63 8.71 4.86 -19.81
N VAL A 64 8.71 3.64 -20.31
CA VAL A 64 9.93 2.84 -20.24
C VAL A 64 11.05 3.57 -20.94
N GLU A 65 10.75 4.20 -22.09
CA GLU A 65 11.77 4.87 -22.87
C GLU A 65 12.53 5.88 -22.01
N GLU A 66 11.83 6.64 -21.17
CA GLU A 66 12.51 7.65 -20.37
C GLU A 66 13.27 7.09 -19.18
N LEU A 67 12.91 5.88 -18.71
CA LEU A 67 13.52 5.35 -17.50
C LEU A 67 14.61 4.33 -17.76
N VAL A 68 14.62 3.72 -18.94
CA VAL A 68 15.37 2.49 -19.17
C VAL A 68 16.87 2.67 -18.92
N ALA A 69 17.43 3.84 -19.24
CA ALA A 69 18.85 4.09 -19.12
C ALA A 69 19.25 4.67 -17.77
N LYS A 70 18.30 5.03 -16.92
CA LYS A 70 18.65 5.59 -15.63
C LYS A 70 19.39 4.53 -14.83
N PRO A 71 20.54 4.86 -14.24
CA PRO A 71 21.31 3.84 -13.51
C PRO A 71 20.51 3.14 -12.42
N GLU A 72 19.52 3.81 -11.82
CA GLU A 72 18.74 3.16 -10.76
C GLU A 72 17.82 2.08 -11.29
N TYR A 73 17.68 1.95 -12.60
CA TYR A 73 16.85 0.93 -13.24
C TYR A 73 17.66 -0.10 -14.00
N ALA A 74 18.98 -0.11 -13.80
CA ALA A 74 19.85 -1.08 -14.46
C ALA A 74 19.41 -2.48 -14.10
N GLY A 75 19.35 -3.36 -15.10
CA GLY A 75 18.92 -4.72 -14.89
C GLY A 75 17.43 -4.93 -14.75
N ALA A 76 16.63 -3.86 -14.83
CA ALA A 76 15.19 -4.01 -14.66
C ALA A 76 14.63 -4.78 -15.87
N VAL A 77 13.66 -5.63 -15.60
CA VAL A 77 12.82 -6.23 -16.63
C VAL A 77 11.54 -5.42 -16.65
N TRP A 78 11.15 -4.90 -17.81
CA TRP A 78 10.04 -3.97 -17.86
C TRP A 78 8.72 -4.61 -18.30
N ALA A 79 7.61 -4.06 -17.80
CA ALA A 79 6.30 -4.41 -18.32
C ALA A 79 5.44 -3.15 -18.30
N LEU A 80 4.29 -3.24 -18.95
CA LEU A 80 3.31 -2.16 -18.97
C LEU A 80 2.00 -2.72 -18.45
N VAL A 81 1.36 -2.02 -17.50
CA VAL A 81 0.03 -2.43 -17.06
C VAL A 81 -0.95 -1.33 -17.44
N SER A 82 -2.06 -1.73 -18.04
CA SER A 82 -3.06 -0.80 -18.52
C SER A 82 -4.16 -0.60 -17.48
N VAL A 83 -4.41 0.65 -17.11
CA VAL A 83 -5.43 0.99 -16.13
C VAL A 83 -6.26 2.17 -16.64
N ASP A 84 -7.58 2.01 -16.62
CA ASP A 84 -8.49 3.07 -17.05
C ASP A 84 -8.64 4.10 -15.93
N LEU A 85 -8.20 5.33 -16.19
CA LEU A 85 -8.22 6.39 -15.17
C LEU A 85 -9.47 7.26 -15.27
N MET B 1 5.82 12.75 8.91
CA MET B 1 5.99 13.35 7.59
C MET B 1 5.52 14.80 7.61
N GLU B 2 6.14 15.64 6.79
CA GLU B 2 5.79 17.05 6.70
C GLU B 2 5.48 17.37 5.25
N PHE B 3 4.20 17.61 4.95
CA PHE B 3 3.74 17.94 3.61
C PHE B 3 3.74 19.46 3.42
N PRO B 4 4.59 20.01 2.56
CA PRO B 4 4.41 21.43 2.19
C PRO B 4 3.07 21.62 1.47
N ILE B 5 2.45 22.78 1.71
CA ILE B 5 1.21 23.16 1.02
C ILE B 5 1.36 24.63 0.65
N ALA B 6 0.77 25.00 -0.50
CA ALA B 6 0.93 26.35 -1.03
C ALA B 6 -0.46 26.98 -1.15
N VAL B 7 -0.65 28.08 -0.38
CA VAL B 7 -1.92 28.83 -0.34
C VAL B 7 -1.87 30.05 -1.23
N HIS B 8 -2.87 30.15 -2.12
CA HIS B 8 -2.99 31.21 -3.11
C HIS B 8 -4.40 31.81 -3.02
N LYS B 9 -4.59 32.94 -3.71
CA LYS B 9 -5.92 33.54 -3.84
C LYS B 9 -6.57 33.20 -5.18
N GLY B 16 -7.63 28.96 -2.12
CA GLY B 16 -6.99 27.89 -2.88
C GLY B 16 -5.65 27.33 -2.41
N VAL B 17 -5.58 26.01 -2.23
CA VAL B 17 -4.38 25.34 -1.71
C VAL B 17 -3.95 24.24 -2.67
N THR B 18 -2.64 24.19 -2.97
CA THR B 18 -2.00 23.14 -3.75
C THR B 18 -1.17 22.29 -2.79
N VAL B 19 -1.18 20.97 -2.99
CA VAL B 19 -0.30 20.08 -2.22
C VAL B 19 0.69 19.47 -3.19
N PRO B 20 1.91 20.01 -3.29
CA PRO B 20 2.86 19.51 -4.30
C PRO B 20 2.99 17.98 -4.32
N ASP B 21 2.99 17.29 -3.17
CA ASP B 21 3.22 15.83 -3.15
C ASP B 21 1.96 14.99 -3.34
N ILE B 22 0.78 15.64 -3.36
CA ILE B 22 -0.48 14.93 -3.62
C ILE B 22 -1.22 15.72 -4.70
N PRO B 23 -0.80 15.58 -5.96
CA PRO B 23 -1.33 16.46 -7.02
C PRO B 23 -2.83 16.40 -7.16
N GLY B 24 -3.48 15.31 -6.75
CA GLY B 24 -4.93 15.17 -6.94
C GLY B 24 -5.78 15.95 -5.93
N VAL B 25 -5.19 16.47 -4.88
CA VAL B 25 -5.92 17.25 -3.86
C VAL B 25 -6.09 18.69 -4.33
N HIS B 26 -7.30 19.20 -4.24
CA HIS B 26 -7.53 20.63 -4.41
C HIS B 26 -8.49 21.10 -3.33
N SER B 27 -7.96 21.71 -2.29
CA SER B 27 -8.75 22.23 -1.18
C SER B 27 -8.96 23.72 -1.32
N TRP B 28 -10.02 24.19 -0.67
CA TRP B 28 -10.49 25.57 -0.81
C TRP B 28 -10.99 26.06 0.55
N ILE B 32 -5.10 31.33 4.55
CA ILE B 32 -6.52 31.40 4.87
C ILE B 32 -6.92 30.21 5.73
N ASP B 33 -7.54 30.52 6.88
CA ASP B 33 -7.65 29.51 7.94
C ASP B 33 -8.43 28.29 7.46
N ASP B 34 -9.69 28.49 7.05
CA ASP B 34 -10.52 27.38 6.57
C ASP B 34 -9.80 26.53 5.54
N ALA B 35 -9.11 27.18 4.60
CA ALA B 35 -8.46 26.45 3.53
C ALA B 35 -7.37 25.54 4.07
N ILE B 36 -6.63 25.99 5.08
CA ILE B 36 -5.57 25.12 5.58
C ILE B 36 -6.17 23.91 6.31
N LYS B 37 -7.27 24.16 7.05
CA LYS B 37 -7.96 23.07 7.77
C LYS B 37 -8.48 22.01 6.80
N ASN B 38 -9.13 22.43 5.72
CA ASN B 38 -9.63 21.44 4.76
C ASN B 38 -8.50 20.73 4.05
N THR B 39 -7.39 21.43 3.77
CA THR B 39 -6.23 20.75 3.17
C THR B 39 -5.65 19.71 4.11
N ARG B 40 -5.54 20.06 5.39
CA ARG B 40 -5.01 19.10 6.35
C ARG B 40 -5.89 17.87 6.42
N GLU B 41 -7.19 18.05 6.46
CA GLU B 41 -8.09 16.91 6.49
C GLU B 41 -7.92 16.06 5.23
N ALA B 42 -7.71 16.71 4.09
CA ALA B 42 -7.54 15.92 2.85
C ALA B 42 -6.24 15.15 2.84
N ILE B 43 -5.15 15.78 3.30
CA ILE B 43 -3.84 15.10 3.35
C ILE B 43 -3.87 13.94 4.33
N VAL B 44 -4.35 14.22 5.54
CA VAL B 44 -4.44 13.17 6.55
C VAL B 44 -5.31 12.02 6.04
N GLY B 45 -6.48 12.34 5.44
CA GLY B 45 -7.34 11.30 4.93
C GLY B 45 -6.69 10.49 3.81
N HIS B 46 -5.95 11.17 2.93
CA HIS B 46 -5.21 10.50 1.86
C HIS B 46 -4.25 9.47 2.43
N VAL B 47 -3.38 9.92 3.34
CA VAL B 47 -2.34 9.05 3.88
C VAL B 47 -2.96 7.92 4.70
N GLU B 48 -3.89 8.24 5.60
CA GLU B 48 -4.44 7.21 6.48
C GLU B 48 -5.22 6.18 5.67
N THR B 49 -5.96 6.63 4.65
CA THR B 49 -6.74 5.71 3.84
C THR B 49 -5.85 4.74 3.09
N LEU B 50 -4.73 5.22 2.55
CA LEU B 50 -3.86 4.34 1.78
C LEU B 50 -3.06 3.42 2.70
N ILE B 51 -2.76 3.88 3.91
CA ILE B 51 -2.12 3.01 4.89
C ILE B 51 -3.06 1.88 5.27
N GLU B 52 -4.35 2.19 5.45
CA GLU B 52 -5.32 1.18 5.82
C GLU B 52 -5.53 0.14 4.71
N LEU B 53 -5.24 0.48 3.46
CA LEU B 53 -5.35 -0.50 2.40
C LEU B 53 -4.02 -1.20 2.10
N GLY B 54 -3.04 -1.08 2.97
CA GLY B 54 -1.79 -1.82 2.78
C GLY B 54 -0.74 -1.15 1.92
N GLU B 55 -0.94 0.09 1.53
CA GLU B 55 0.09 0.75 0.71
C GLU B 55 1.26 1.25 1.57
N ASP B 56 2.39 1.45 0.89
CA ASP B 56 3.60 1.97 1.53
C ASP B 56 3.61 3.48 1.33
N VAL B 57 3.45 4.24 2.40
CA VAL B 57 3.46 5.70 2.26
C VAL B 57 4.76 6.30 2.75
N GLU B 58 5.75 5.47 3.13
CA GLU B 58 6.91 5.95 3.90
C GLU B 58 8.00 6.44 2.94
N PHE B 59 7.69 7.59 2.31
CA PHE B 59 8.60 8.23 1.37
C PHE B 59 8.68 9.71 1.70
N THR B 60 9.83 10.31 1.41
CA THR B 60 10.06 11.69 1.83
C THR B 60 9.24 12.63 0.97
N CYS B 61 8.71 13.65 1.61
CA CYS B 61 7.97 14.73 0.94
C CYS B 61 8.95 15.72 0.33
N SER B 62 8.39 16.61 -0.50
CA SER B 62 9.13 17.76 -0.95
C SER B 62 9.35 18.70 0.20
N THR B 63 10.26 19.62 0.00
CA THR B 63 10.49 20.71 0.94
C THR B 63 10.09 22.06 0.36
N VAL B 64 9.75 23.00 1.25
CA VAL B 64 9.52 24.38 0.80
C VAL B 64 10.80 24.90 0.16
N GLU B 65 11.95 24.54 0.74
CA GLU B 65 13.23 25.07 0.22
C GLU B 65 13.39 24.75 -1.27
N GLU B 66 13.00 23.55 -1.70
CA GLU B 66 13.22 23.21 -3.09
C GLU B 66 12.15 23.76 -4.03
N LEU B 67 10.99 24.14 -3.49
CA LEU B 67 9.87 24.59 -4.31
C LEU B 67 9.67 26.11 -4.34
N VAL B 68 10.26 26.85 -3.39
CA VAL B 68 9.83 28.23 -3.12
C VAL B 68 10.01 29.13 -4.34
N ALA B 69 11.01 28.85 -5.18
CA ALA B 69 11.33 29.72 -6.30
C ALA B 69 10.79 29.22 -7.62
N LYS B 70 10.00 28.15 -7.63
CA LYS B 70 9.42 27.71 -8.89
C LYS B 70 8.32 28.68 -9.31
N PRO B 71 8.24 29.02 -10.61
CA PRO B 71 7.25 30.00 -11.07
C PRO B 71 5.83 29.70 -10.61
N GLU B 72 5.49 28.42 -10.50
CA GLU B 72 4.10 28.05 -10.24
C GLU B 72 3.68 28.38 -8.82
N TYR B 73 4.65 28.63 -7.94
CA TYR B 73 4.40 29.01 -6.54
C TYR B 73 4.74 30.47 -6.26
N ALA B 74 4.97 31.27 -7.29
CA ALA B 74 5.23 32.69 -7.09
C ALA B 74 4.12 33.31 -6.25
N GLY B 75 4.51 33.97 -5.17
CA GLY B 75 3.52 34.61 -4.30
C GLY B 75 2.79 33.67 -3.36
N ALA B 76 3.10 32.39 -3.37
CA ALA B 76 2.47 31.43 -2.46
C ALA B 76 2.79 31.79 -1.01
N VAL B 77 1.79 31.56 -0.14
CA VAL B 77 2.00 31.46 1.30
C VAL B 77 2.12 29.97 1.66
N TRP B 78 3.18 29.61 2.38
CA TRP B 78 3.52 28.23 2.62
C TRP B 78 3.12 27.81 4.02
N ALA B 79 2.87 26.51 4.18
CA ALA B 79 2.67 25.88 5.47
C ALA B 79 3.15 24.45 5.35
N LEU B 80 3.46 23.84 6.50
CA LEU B 80 3.79 22.41 6.55
C LEU B 80 2.68 21.69 7.30
N VAL B 81 2.15 20.62 6.70
CA VAL B 81 1.15 19.78 7.35
C VAL B 81 1.84 18.53 7.85
N SER B 82 1.86 18.33 9.18
CA SER B 82 2.44 17.12 9.76
C SER B 82 1.48 15.95 9.73
N VAL B 83 1.96 14.78 9.32
CA VAL B 83 1.18 13.54 9.36
C VAL B 83 2.06 12.50 10.02
N ASP B 84 1.60 11.94 11.14
CA ASP B 84 2.33 10.90 11.84
C ASP B 84 1.78 9.54 11.43
N LEU B 85 2.69 8.60 11.19
CA LEU B 85 2.32 7.23 10.80
C LEU B 85 1.55 6.48 11.90
N MET C 1 21.70 -6.15 5.49
CA MET C 1 21.41 -5.71 6.83
C MET C 1 20.43 -6.71 7.46
N GLU C 2 20.61 -7.03 8.75
CA GLU C 2 19.72 -7.98 9.42
C GLU C 2 18.70 -7.19 10.23
N PHE C 3 17.43 -7.21 9.79
CA PHE C 3 16.40 -6.45 10.49
C PHE C 3 15.67 -7.35 11.45
N PRO C 4 15.61 -7.03 12.72
CA PRO C 4 14.73 -7.75 13.64
C PRO C 4 13.27 -7.46 13.32
N ILE C 5 12.45 -8.51 13.36
CA ILE C 5 11.00 -8.33 13.23
C ILE C 5 10.30 -9.05 14.37
N ALA C 6 9.21 -8.47 14.88
CA ALA C 6 8.49 -9.01 16.02
C ALA C 6 7.21 -9.64 15.49
N VAL C 7 7.07 -10.96 15.63
CA VAL C 7 5.94 -11.69 15.04
C VAL C 7 5.00 -12.01 16.19
N HIS C 8 3.77 -11.52 16.14
CA HIS C 8 2.89 -11.63 17.30
C HIS C 8 1.61 -12.35 16.91
N LYS C 9 1.24 -13.37 17.68
CA LYS C 9 0.06 -14.15 17.32
C LYS C 9 -1.18 -13.38 17.73
N ASP C 10 -2.06 -13.11 16.76
CA ASP C 10 -3.30 -12.37 16.94
C ASP C 10 -4.48 -13.33 16.91
N ASP C 11 -5.64 -12.83 17.29
CA ASP C 11 -6.84 -13.67 17.29
C ASP C 11 -7.09 -14.22 15.89
N GLY C 12 -7.70 -15.40 15.84
CA GLY C 12 -7.78 -16.12 14.58
C GLY C 12 -6.56 -16.96 14.31
N SER C 13 -5.63 -17.00 15.25
CA SER C 13 -4.38 -17.75 15.16
C SER C 13 -3.65 -17.37 13.85
N VAL C 14 -3.65 -16.05 13.59
CA VAL C 14 -2.97 -15.39 12.50
C VAL C 14 -1.87 -14.56 13.15
N TYR C 15 -0.86 -14.15 12.38
CA TYR C 15 0.30 -13.46 12.97
C TYR C 15 0.42 -12.09 12.37
N GLY C 16 0.62 -11.09 13.23
CA GLY C 16 0.96 -9.76 12.76
C GLY C 16 2.46 -9.56 12.97
N VAL C 17 3.02 -8.58 12.25
CA VAL C 17 4.45 -8.35 12.35
C VAL C 17 4.72 -6.86 12.52
N THR C 18 5.66 -6.51 13.41
CA THR C 18 6.16 -5.14 13.54
C THR C 18 7.63 -5.12 13.13
N VAL C 19 8.04 -4.09 12.38
CA VAL C 19 9.44 -3.94 11.98
C VAL C 19 9.98 -2.69 12.70
N PRO C 20 10.66 -2.84 13.85
CA PRO C 20 11.00 -1.65 14.64
C PRO C 20 11.80 -0.60 13.87
N ASP C 21 12.66 -1.01 12.97
CA ASP C 21 13.54 -0.07 12.29
C ASP C 21 12.92 0.56 11.05
N ILE C 22 11.74 0.12 10.66
CA ILE C 22 11.02 0.61 9.48
C ILE C 22 9.54 0.70 9.89
N PRO C 23 9.17 1.79 10.57
CA PRO C 23 7.87 1.84 11.27
C PRO C 23 6.66 1.71 10.39
N GLY C 24 6.74 2.10 9.13
CA GLY C 24 5.55 2.01 8.30
C GLY C 24 5.25 0.65 7.73
N VAL C 25 6.10 -0.36 7.94
CA VAL C 25 5.85 -1.68 7.35
C VAL C 25 4.86 -2.42 8.23
N HIS C 26 3.74 -2.83 7.65
CA HIS C 26 2.75 -3.60 8.38
C HIS C 26 2.51 -4.86 7.56
N SER C 27 2.94 -6.01 8.06
CA SER C 27 2.79 -7.26 7.30
C SER C 27 2.21 -8.32 8.23
N TRP C 28 2.00 -9.52 7.74
CA TRP C 28 1.25 -10.53 8.51
C TRP C 28 1.45 -11.89 7.82
N GLY C 29 1.02 -12.96 8.50
CA GLY C 29 0.92 -14.23 7.79
C GLY C 29 0.07 -15.23 8.55
N GLU C 30 -0.35 -16.29 7.81
CA GLU C 30 -1.11 -17.36 8.44
C GLU C 30 -0.25 -18.20 9.37
N THR C 31 1.03 -18.27 9.08
CA THR C 31 2.02 -18.96 9.90
C THR C 31 3.16 -18.00 10.14
N ILE C 32 4.00 -18.35 11.12
CA ILE C 32 5.21 -17.56 11.34
C ILE C 32 6.06 -17.50 10.08
N ASP C 33 6.24 -18.66 9.41
CA ASP C 33 7.02 -18.69 8.19
C ASP C 33 6.44 -17.75 7.15
N ASP C 34 5.12 -17.77 7.01
CA ASP C 34 4.44 -16.94 6.04
C ASP C 34 4.59 -15.47 6.39
N ALA C 35 4.66 -15.18 7.68
CA ALA C 35 4.80 -13.81 8.15
C ALA C 35 6.23 -13.32 7.90
N ILE C 36 7.23 -14.20 8.11
CA ILE C 36 8.61 -13.81 7.86
C ILE C 36 8.81 -13.46 6.38
N LYS C 37 8.35 -14.34 5.49
CA LYS C 37 8.53 -14.09 4.07
C LYS C 37 7.78 -12.85 3.61
N ASN C 38 6.53 -12.70 4.04
CA ASN C 38 5.74 -11.53 3.64
C ASN C 38 6.43 -10.25 4.12
N THR C 39 6.99 -10.29 5.31
CA THR C 39 7.62 -9.07 5.84
C THR C 39 8.91 -8.79 5.08
N ARG C 40 9.69 -9.83 4.82
CA ARG C 40 10.93 -9.63 4.06
C ARG C 40 10.61 -9.00 2.71
N GLU C 41 9.60 -9.53 2.01
CA GLU C 41 9.26 -8.98 0.71
C GLU C 41 8.78 -7.54 0.82
N ALA C 42 8.06 -7.22 1.91
CA ALA C 42 7.65 -5.82 2.09
C ALA C 42 8.87 -4.90 2.29
N ILE C 43 9.87 -5.39 3.01
CA ILE C 43 11.07 -4.57 3.22
C ILE C 43 11.84 -4.43 1.94
N VAL C 44 12.05 -5.56 1.25
CA VAL C 44 12.79 -5.53 0.00
C VAL C 44 12.15 -4.56 -0.99
N GLY C 45 10.83 -4.63 -1.13
CA GLY C 45 10.15 -3.75 -2.06
C GLY C 45 10.27 -2.30 -1.64
N HIS C 46 10.23 -2.04 -0.34
CA HIS C 46 10.43 -0.68 0.15
C HIS C 46 11.80 -0.16 -0.22
N VAL C 47 12.85 -0.96 0.05
CA VAL C 47 14.21 -0.55 -0.23
C VAL C 47 14.44 -0.37 -1.72
N GLU C 48 13.94 -1.29 -2.57
CA GLU C 48 14.14 -1.15 -4.01
C GLU C 48 13.46 0.12 -4.53
N THR C 49 12.29 0.44 -3.96
CA THR C 49 11.60 1.66 -4.37
C THR C 49 12.39 2.89 -3.97
N LEU C 50 12.98 2.89 -2.76
CA LEU C 50 13.84 4.00 -2.37
C LEU C 50 14.99 4.16 -3.35
N ILE C 51 15.59 3.06 -3.77
CA ILE C 51 16.73 3.14 -4.67
C ILE C 51 16.30 3.71 -6.03
N GLU C 52 15.16 3.25 -6.54
CA GLU C 52 14.66 3.74 -7.83
C GLU C 52 14.23 5.20 -7.77
N LEU C 53 13.78 5.66 -6.59
CA LEU C 53 13.44 7.05 -6.35
C LEU C 53 14.67 7.92 -6.08
N GLY C 54 15.82 7.32 -5.89
CA GLY C 54 16.98 8.14 -5.59
C GLY C 54 16.95 8.69 -4.20
N GLU C 55 16.17 8.09 -3.31
CA GLU C 55 16.10 8.50 -1.93
C GLU C 55 17.19 7.79 -1.16
N ASP C 56 17.71 8.45 -0.13
CA ASP C 56 18.69 7.79 0.73
C ASP C 56 18.13 6.50 1.31
N VAL C 57 18.94 5.45 1.26
CA VAL C 57 18.61 4.19 1.90
C VAL C 57 19.40 4.16 3.19
N GLU C 58 19.10 5.09 4.08
CA GLU C 58 19.75 5.15 5.37
C GLU C 58 18.92 4.34 6.35
N PHE C 59 19.50 3.26 6.85
CA PHE C 59 18.85 2.47 7.87
C PHE C 59 19.83 2.13 8.96
N THR C 60 19.37 2.31 10.19
CA THR C 60 20.01 1.69 11.33
C THR C 60 19.17 0.49 11.70
N CYS C 61 19.83 -0.55 12.20
CA CYS C 61 19.08 -1.71 12.63
C CYS C 61 19.31 -1.88 14.13
N SER C 62 18.26 -2.27 14.82
CA SER C 62 18.31 -2.66 16.20
C SER C 62 18.74 -4.10 16.33
N THR C 63 19.01 -4.50 17.57
CA THR C 63 19.18 -5.91 17.88
C THR C 63 17.98 -6.39 18.65
N VAL C 64 17.74 -7.70 18.57
CA VAL C 64 16.68 -8.30 19.37
C VAL C 64 16.94 -8.07 20.84
N GLU C 65 18.20 -8.20 21.26
CA GLU C 65 18.56 -8.00 22.66
C GLU C 65 18.10 -6.64 23.18
N GLU C 66 18.23 -5.58 22.34
CA GLU C 66 17.84 -4.23 22.78
C GLU C 66 16.34 -4.08 22.90
N LEU C 67 15.57 -4.87 22.17
CA LEU C 67 14.15 -4.66 22.09
C LEU C 67 13.32 -5.66 22.88
N VAL C 68 13.91 -6.78 23.30
CA VAL C 68 13.09 -7.92 23.68
C VAL C 68 12.22 -7.62 24.89
N ALA C 69 12.69 -6.76 25.81
CA ALA C 69 12.00 -6.47 27.06
C ALA C 69 11.06 -5.27 26.97
N LYS C 70 10.96 -4.65 25.82
CA LYS C 70 10.10 -3.49 25.72
C LYS C 70 8.66 -3.98 25.78
N PRO C 71 7.79 -3.36 26.59
CA PRO C 71 6.43 -3.90 26.70
C PRO C 71 5.68 -4.03 25.38
N GLU C 72 5.95 -3.14 24.42
CA GLU C 72 5.28 -3.23 23.12
C GLU C 72 5.40 -4.62 22.50
N TYR C 73 6.48 -5.36 22.82
CA TYR C 73 6.82 -6.60 22.14
C TYR C 73 6.61 -7.81 23.02
N ALA C 74 5.86 -7.67 24.10
CA ALA C 74 5.60 -8.79 24.99
C ALA C 74 5.02 -9.97 24.22
N GLY C 75 5.56 -11.16 24.46
CA GLY C 75 5.07 -12.37 23.81
C GLY C 75 5.46 -12.56 22.36
N ALA C 76 6.23 -11.67 21.78
CA ALA C 76 6.63 -11.77 20.38
C ALA C 76 7.56 -12.94 20.17
N VAL C 77 7.47 -13.49 18.95
CA VAL C 77 8.50 -14.37 18.41
C VAL C 77 9.37 -13.48 17.54
N TRP C 78 10.67 -13.48 17.80
CA TRP C 78 11.56 -12.62 17.06
C TRP C 78 12.20 -13.39 15.91
N ALA C 79 12.35 -12.68 14.77
CA ALA C 79 13.05 -13.27 13.64
C ALA C 79 13.96 -12.18 13.08
N LEU C 80 14.91 -12.60 12.25
CA LEU C 80 15.80 -11.68 11.57
C LEU C 80 15.63 -11.89 10.08
N VAL C 81 15.41 -10.81 9.35
CA VAL C 81 15.37 -10.92 7.90
C VAL C 81 16.54 -10.15 7.32
N SER C 82 17.18 -10.74 6.32
CA SER C 82 18.39 -10.20 5.70
C SER C 82 17.99 -9.44 4.44
N VAL C 83 18.28 -8.12 4.38
CA VAL C 83 17.91 -7.33 3.21
C VAL C 83 19.14 -6.54 2.76
N ASP C 84 19.50 -6.68 1.50
CA ASP C 84 20.69 -6.02 0.99
C ASP C 84 20.37 -4.56 0.68
N LEU C 85 21.11 -3.62 1.27
CA LEU C 85 20.78 -2.23 1.01
C LEU C 85 21.46 -1.69 -0.24
N LYS C 86 22.45 -2.43 -0.77
CA LYS C 86 23.04 -2.16 -2.07
C LYS C 86 23.53 -0.73 -2.21
N MET D 1 -16.95 -14.90 10.91
CA MET D 1 -17.98 -14.18 10.16
C MET D 1 -17.95 -14.58 8.70
N GLU D 2 -19.13 -14.75 8.07
CA GLU D 2 -19.24 -15.21 6.68
C GLU D 2 -19.46 -13.97 5.79
N PHE D 3 -18.43 -13.56 5.10
CA PHE D 3 -18.58 -12.39 4.24
C PHE D 3 -18.99 -12.78 2.84
N PRO D 4 -20.00 -12.15 2.28
CA PRO D 4 -20.31 -12.37 0.87
C PRO D 4 -19.30 -11.62 0.00
N ILE D 5 -18.94 -12.23 -1.13
CA ILE D 5 -17.96 -11.66 -2.04
C ILE D 5 -18.51 -11.85 -3.43
N ALA D 6 -18.33 -10.83 -4.27
CA ALA D 6 -18.87 -10.80 -5.61
C ALA D 6 -17.72 -11.04 -6.58
N VAL D 7 -17.77 -12.17 -7.28
CA VAL D 7 -16.74 -12.59 -8.23
C VAL D 7 -17.21 -12.29 -9.63
N HIS D 8 -16.42 -11.53 -10.38
CA HIS D 8 -16.84 -11.15 -11.73
C HIS D 8 -15.70 -11.36 -12.72
N LYS D 9 -16.01 -11.61 -13.99
CA LYS D 9 -14.89 -11.67 -14.92
C LYS D 9 -14.77 -10.35 -15.68
N VAL D 14 -9.13 -12.94 -16.20
CA VAL D 14 -9.22 -13.52 -14.86
C VAL D 14 -10.33 -12.88 -14.07
N TYR D 15 -10.71 -13.56 -13.00
CA TYR D 15 -11.83 -13.13 -12.17
C TYR D 15 -11.38 -12.03 -11.22
N GLY D 16 -12.23 -11.02 -11.04
CA GLY D 16 -12.01 -9.98 -10.05
C GLY D 16 -13.02 -10.12 -8.92
N VAL D 17 -12.65 -9.67 -7.72
CA VAL D 17 -13.54 -9.83 -6.57
C VAL D 17 -13.64 -8.53 -5.80
N THR D 18 -14.86 -8.17 -5.38
CA THR D 18 -15.04 -7.10 -4.42
C THR D 18 -15.76 -7.66 -3.19
N VAL D 19 -15.59 -6.98 -2.08
CA VAL D 19 -16.13 -7.37 -0.78
C VAL D 19 -17.09 -6.27 -0.35
N PRO D 20 -18.39 -6.45 -0.54
CA PRO D 20 -19.31 -5.32 -0.31
C PRO D 20 -19.25 -4.72 1.09
N ASP D 21 -19.00 -5.56 2.11
CA ASP D 21 -19.02 -5.09 3.49
C ASP D 21 -17.71 -4.46 3.91
N ILE D 22 -16.67 -4.57 3.10
CA ILE D 22 -15.36 -4.03 3.46
C ILE D 22 -14.85 -3.21 2.27
N PRO D 23 -15.25 -1.94 2.17
CA PRO D 23 -14.83 -1.13 1.02
C PRO D 23 -13.32 -1.06 0.90
N GLY D 24 -12.84 -1.11 -0.34
CA GLY D 24 -11.43 -1.01 -0.64
C GLY D 24 -10.75 -2.34 -0.83
N VAL D 25 -11.29 -3.43 -0.26
CA VAL D 25 -10.65 -4.74 -0.33
C VAL D 25 -11.05 -5.43 -1.64
N HIS D 26 -10.06 -5.86 -2.41
CA HIS D 26 -10.25 -6.53 -3.69
C HIS D 26 -9.26 -7.68 -3.80
N SER D 27 -9.59 -8.62 -4.69
CA SER D 27 -8.65 -9.66 -5.04
C SER D 27 -9.00 -10.21 -6.41
N TRP D 28 -8.31 -11.28 -6.80
CA TRP D 28 -8.48 -11.86 -8.13
C TRP D 28 -8.13 -13.35 -8.08
N GLY D 29 -8.44 -14.03 -9.19
CA GLY D 29 -7.95 -15.39 -9.38
C GLY D 29 -8.12 -15.88 -10.81
N GLU D 30 -7.25 -16.80 -11.24
CA GLU D 30 -7.38 -17.42 -12.55
C GLU D 30 -8.68 -18.22 -12.67
N THR D 31 -9.09 -18.86 -11.58
CA THR D 31 -10.35 -19.56 -11.46
C THR D 31 -11.15 -18.96 -10.31
N ILE D 32 -12.46 -19.28 -10.30
CA ILE D 32 -13.30 -18.84 -9.18
C ILE D 32 -12.76 -19.41 -7.87
N ASP D 33 -12.32 -20.66 -7.87
CA ASP D 33 -11.78 -21.22 -6.63
C ASP D 33 -10.59 -20.42 -6.15
N ASP D 34 -9.66 -20.09 -7.06
CA ASP D 34 -8.54 -19.26 -6.65
C ASP D 34 -8.99 -17.88 -6.16
N ALA D 35 -9.99 -17.28 -6.82
CA ALA D 35 -10.43 -15.95 -6.40
C ALA D 35 -11.07 -15.99 -5.02
N ILE D 36 -11.80 -17.05 -4.70
CA ILE D 36 -12.39 -17.20 -3.37
C ILE D 36 -11.28 -17.26 -2.33
N LYS D 37 -10.32 -18.16 -2.52
CA LYS D 37 -9.23 -18.31 -1.55
C LYS D 37 -8.43 -17.02 -1.41
N ASN D 38 -8.09 -16.39 -2.54
CA ASN D 38 -7.29 -15.16 -2.48
C ASN D 38 -8.05 -14.03 -1.80
N THR D 39 -9.35 -13.94 -2.03
CA THR D 39 -10.14 -12.92 -1.35
C THR D 39 -10.18 -13.13 0.16
N ARG D 40 -10.35 -14.37 0.62
CA ARG D 40 -10.35 -14.58 2.07
C ARG D 40 -9.04 -14.08 2.65
N GLU D 41 -7.91 -14.40 2.01
CA GLU D 41 -6.62 -13.97 2.57
C GLU D 41 -6.47 -12.48 2.51
N ALA D 42 -6.99 -11.85 1.46
CA ALA D 42 -7.02 -10.40 1.41
C ALA D 42 -7.79 -9.81 2.58
N ILE D 43 -8.93 -10.40 2.95
CA ILE D 43 -9.69 -9.85 4.08
C ILE D 43 -8.90 -10.04 5.40
N VAL D 44 -8.32 -11.22 5.61
CA VAL D 44 -7.56 -11.48 6.82
C VAL D 44 -6.41 -10.50 6.92
N GLY D 45 -5.72 -10.26 5.81
CA GLY D 45 -4.57 -9.35 5.85
C GLY D 45 -5.02 -7.94 6.16
N HIS D 46 -6.16 -7.55 5.61
CA HIS D 46 -6.72 -6.24 5.90
C HIS D 46 -7.05 -6.09 7.37
N VAL D 47 -7.68 -7.12 7.95
CA VAL D 47 -7.99 -7.10 9.38
C VAL D 47 -6.71 -6.98 10.20
N GLU D 48 -5.69 -7.72 9.82
CA GLU D 48 -4.44 -7.66 10.56
C GLU D 48 -3.80 -6.29 10.47
N THR D 49 -3.84 -5.66 9.31
CA THR D 49 -3.33 -4.30 9.16
C THR D 49 -4.05 -3.38 10.13
N LEU D 50 -5.39 -3.46 10.16
CA LEU D 50 -6.15 -2.62 11.07
C LEU D 50 -5.74 -2.86 12.52
N ILE D 51 -5.50 -4.12 12.91
CA ILE D 51 -5.08 -4.41 14.28
C ILE D 51 -3.72 -3.81 14.58
N GLU D 52 -2.80 -3.94 13.62
CA GLU D 52 -1.45 -3.39 13.75
C GLU D 52 -1.49 -1.88 13.86
N LEU D 53 -2.46 -1.23 13.21
CA LEU D 53 -2.56 0.22 13.27
C LEU D 53 -3.25 0.68 14.54
N GLY D 54 -3.77 -0.26 15.33
CA GLY D 54 -4.46 0.09 16.55
C GLY D 54 -5.90 0.47 16.33
N GLU D 55 -6.46 0.13 15.18
CA GLU D 55 -7.83 0.47 14.88
C GLU D 55 -8.76 -0.62 15.36
N ASP D 56 -9.98 -0.22 15.70
CA ASP D 56 -11.03 -1.20 15.97
C ASP D 56 -11.34 -1.98 14.71
N VAL D 57 -11.68 -3.25 14.90
CA VAL D 57 -12.14 -4.06 13.79
C VAL D 57 -13.54 -4.53 14.13
N GLU D 58 -14.52 -3.91 13.49
CA GLU D 58 -15.93 -4.23 13.69
C GLU D 58 -16.54 -4.26 12.31
N PHE D 59 -17.05 -5.40 11.92
CA PHE D 59 -17.75 -5.51 10.64
C PHE D 59 -19.07 -6.22 10.88
N THR D 60 -20.01 -5.94 10.01
CA THR D 60 -21.26 -6.67 9.99
C THR D 60 -21.38 -7.16 8.55
N CYS D 61 -21.62 -8.43 8.37
CA CYS D 61 -21.76 -8.88 7.01
C CYS D 61 -23.19 -8.67 6.54
N SER D 62 -23.33 -8.44 5.25
CA SER D 62 -24.59 -8.49 4.54
C SER D 62 -24.87 -9.92 4.12
N THR D 63 -26.10 -10.16 3.71
CA THR D 63 -26.43 -11.42 3.06
C THR D 63 -26.42 -11.23 1.55
N VAL D 64 -26.29 -12.34 0.83
CA VAL D 64 -26.33 -12.24 -0.62
C VAL D 64 -27.67 -11.70 -1.07
N GLU D 65 -28.74 -12.07 -0.34
CA GLU D 65 -30.08 -11.63 -0.70
C GLU D 65 -30.17 -10.12 -0.74
N GLU D 66 -29.49 -9.45 0.20
CA GLU D 66 -29.53 -7.99 0.30
C GLU D 66 -28.71 -7.32 -0.79
N LEU D 67 -27.85 -8.07 -1.47
CA LEU D 67 -26.95 -7.46 -2.43
C LEU D 67 -27.16 -7.90 -3.86
N VAL D 68 -27.77 -9.06 -4.10
CA VAL D 68 -27.73 -9.69 -5.41
C VAL D 68 -28.39 -8.82 -6.49
N ALA D 69 -29.37 -8.01 -6.12
CA ALA D 69 -30.07 -7.23 -7.14
C ALA D 69 -29.46 -5.85 -7.39
N LYS D 70 -28.36 -5.49 -6.72
CA LYS D 70 -27.79 -4.18 -6.97
C LYS D 70 -27.16 -4.18 -8.37
N PRO D 71 -27.44 -3.18 -9.21
CA PRO D 71 -26.91 -3.22 -10.58
C PRO D 71 -25.40 -3.32 -10.67
N GLU D 72 -24.66 -2.81 -9.69
CA GLU D 72 -23.21 -2.95 -9.76
C GLU D 72 -22.74 -4.39 -9.69
N TYR D 73 -23.57 -5.32 -9.23
CA TYR D 73 -23.17 -6.73 -9.10
C TYR D 73 -23.82 -7.60 -10.17
N ALA D 74 -24.40 -7.00 -11.21
CA ALA D 74 -25.00 -7.76 -12.30
C ALA D 74 -24.01 -8.79 -12.84
N GLY D 75 -24.49 -10.03 -12.95
CA GLY D 75 -23.67 -11.09 -13.48
C GLY D 75 -22.68 -11.69 -12.51
N ALA D 76 -22.64 -11.24 -11.26
CA ALA D 76 -21.68 -11.74 -10.28
C ALA D 76 -21.95 -13.21 -9.95
N VAL D 77 -20.87 -13.94 -9.68
CA VAL D 77 -20.98 -15.19 -8.95
C VAL D 77 -20.72 -14.85 -7.48
N TRP D 78 -21.64 -15.25 -6.61
CA TRP D 78 -21.54 -14.92 -5.18
C TRP D 78 -20.93 -16.09 -4.43
N ALA D 79 -19.97 -15.77 -3.56
CA ALA D 79 -19.37 -16.77 -2.69
C ALA D 79 -19.33 -16.21 -1.26
N LEU D 80 -18.97 -17.08 -0.33
CA LEU D 80 -18.88 -16.68 1.08
C LEU D 80 -17.56 -17.15 1.63
N VAL D 81 -16.85 -16.27 2.35
CA VAL D 81 -15.58 -16.65 2.99
C VAL D 81 -15.68 -16.43 4.47
N SER D 82 -15.04 -17.33 5.21
CA SER D 82 -15.15 -17.33 6.65
C SER D 82 -13.92 -16.67 7.23
N VAL D 83 -14.11 -15.57 7.96
CA VAL D 83 -13.00 -14.86 8.62
C VAL D 83 -13.31 -14.71 10.08
N ASP D 84 -12.33 -15.05 10.93
CA ASP D 84 -12.54 -15.01 12.37
C ASP D 84 -12.32 -13.60 12.89
N LEU D 85 -13.39 -12.95 13.31
CA LEU D 85 -13.30 -11.72 14.06
C LEU D 85 -13.76 -12.01 15.51
#